data_1V71
#
_entry.id   1V71
#
_cell.length_a   69.47
_cell.length_b   148.17
_cell.length_c   64.20
_cell.angle_alpha   90
_cell.angle_beta   90
_cell.angle_gamma   90
#
_symmetry.space_group_name_H-M   'C 2 2 21'
#
loop_
_entity.id
_entity.type
_entity.pdbx_description
1 polymer 'Hypothetical protein C320.14 in chromosome III'
2 non-polymer 'MAGNESIUM ION'
3 non-polymer "PYRIDOXAL-5'-PHOSPHATE"
4 water water
#
_entity_poly.entity_id   1
_entity_poly.type   'polypeptide(L)'
_entity_poly.pdbx_seq_one_letter_code
;MSDNLVLPTYDDVASASERIKKFANKTPVLTSSTVNKEFVAEVFFKCENFQKMGAFKFRGALNALSQLNEAQRKAGVLTF
SSGNHAQAIALSAKILGIPAKIIMPLDAPEAKVAATKGYGGQVIMYDRYKDDREKMAKEISEREGLTIIPPYDHPHVLAG
QGTAAKELFEEVGPLDALFVCLGGGGLLSGSALAARHFAPNCEVYGVEPEAGNDGQQSFRKGSIVHIDTPKTIADGAQTQ
HLGNYTFSIIKEKVDDILTVSDEELIDCLKFYAARMKIVVEPTGCLSFAAARAMKEKLKNKRIGIIISGGNVDIERYAHF
LSQ
;
_entity_poly.pdbx_strand_id   A
#
loop_
_chem_comp.id
_chem_comp.type
_chem_comp.name
_chem_comp.formula
MG non-polymer 'MAGNESIUM ION' 'Mg 2'
PLP non-polymer PYRIDOXAL-5'-PHOSPHATE 'C8 H10 N O6 P'
#
# COMPACT_ATOMS: atom_id res chain seq x y z
N VAL A 6 21.16 -6.18 -6.44
CA VAL A 6 20.01 -5.40 -6.92
C VAL A 6 18.80 -5.45 -6.00
N LEU A 7 18.45 -6.64 -5.52
CA LEU A 7 17.27 -6.78 -4.66
C LEU A 7 17.48 -6.49 -3.17
N PRO A 8 16.54 -5.76 -2.57
CA PRO A 8 16.66 -5.46 -1.13
C PRO A 8 16.42 -6.76 -0.37
N THR A 9 16.92 -6.84 0.86
CA THR A 9 16.73 -8.03 1.70
C THR A 9 16.11 -7.58 3.01
N TYR A 10 15.86 -8.50 3.93
CA TYR A 10 15.26 -8.11 5.20
C TYR A 10 16.09 -7.03 5.88
N ASP A 11 17.41 -7.07 5.69
CA ASP A 11 18.26 -6.06 6.33
C ASP A 11 17.88 -4.64 5.92
N ASP A 12 17.39 -4.48 4.71
CA ASP A 12 16.98 -3.15 4.26
C ASP A 12 15.69 -2.74 4.93
N VAL A 13 14.85 -3.70 5.26
CA VAL A 13 13.60 -3.40 5.95
C VAL A 13 13.98 -2.97 7.36
N ALA A 14 14.94 -3.68 7.96
CA ALA A 14 15.42 -3.37 9.30
C ALA A 14 15.99 -1.95 9.36
N SER A 15 16.80 -1.58 8.39
CA SER A 15 17.40 -0.24 8.36
C SER A 15 16.34 0.82 8.10
N ALA A 16 15.31 0.46 7.35
CA ALA A 16 14.25 1.41 7.06
C ALA A 16 13.50 1.71 8.34
N SER A 17 13.29 0.70 9.18
CA SER A 17 12.60 0.92 10.45
C SER A 17 13.32 1.99 11.24
N GLU A 18 14.64 1.95 11.21
CA GLU A 18 15.45 2.93 11.92
C GLU A 18 15.33 4.33 11.33
N ARG A 19 15.28 4.43 10.00
CA ARG A 19 15.17 5.72 9.32
C ARG A 19 13.84 6.43 9.55
N ILE A 20 12.77 5.65 9.62
CA ILE A 20 11.45 6.24 9.78
C ILE A 20 10.95 6.36 11.22
N LYS A 21 11.62 5.70 12.15
CA LYS A 21 11.21 5.71 13.55
C LYS A 21 10.87 7.08 14.11
N LYS A 22 11.59 8.10 13.68
CA LYS A 22 11.34 9.45 14.19
C LYS A 22 10.06 10.11 13.69
N PHE A 23 9.48 9.62 12.60
CA PHE A 23 8.28 10.25 12.07
C PHE A 23 7.07 9.36 11.81
N ALA A 24 7.31 8.07 11.56
CA ALA A 24 6.21 7.16 11.28
C ALA A 24 5.47 6.69 12.54
N ASN A 25 4.25 6.23 12.33
CA ASN A 25 3.41 5.73 13.41
C ASN A 25 3.58 4.23 13.59
N LYS A 26 3.81 3.80 14.83
CA LYS A 26 3.89 2.38 15.11
C LYS A 26 2.42 2.05 15.33
N THR A 27 1.69 1.96 14.22
CA THR A 27 0.27 1.70 14.23
C THR A 27 -0.17 0.55 15.12
N PRO A 28 -1.36 0.67 15.73
CA PRO A 28 -1.86 -0.38 16.60
C PRO A 28 -2.32 -1.61 15.86
N VAL A 29 -2.36 -2.72 16.61
CA VAL A 29 -2.80 -4.00 16.08
C VAL A 29 -4.12 -4.26 16.79
N LEU A 30 -5.19 -4.38 16.00
CA LEU A 30 -6.50 -4.63 16.56
C LEU A 30 -6.88 -6.09 16.42
N THR A 31 -7.78 -6.53 17.29
CA THR A 31 -8.28 -7.89 17.27
C THR A 31 -9.79 -7.81 17.45
N SER A 32 -10.48 -8.85 17.03
CA SER A 32 -11.93 -8.92 17.14
C SER A 32 -12.38 -10.27 17.63
N SER A 33 -13.15 -10.28 18.71
CA SER A 33 -13.66 -11.53 19.25
C SER A 33 -14.65 -12.10 18.23
N THR A 34 -15.31 -11.21 17.50
CA THR A 34 -16.28 -11.61 16.48
C THR A 34 -15.58 -12.33 15.34
N VAL A 35 -14.42 -11.82 14.94
CA VAL A 35 -13.65 -12.42 13.85
C VAL A 35 -13.05 -13.74 14.30
N ASN A 36 -12.44 -13.74 15.48
CA ASN A 36 -11.82 -14.95 16.01
C ASN A 36 -12.82 -16.09 16.07
N LYS A 37 -14.06 -15.77 16.44
CA LYS A 37 -15.11 -16.77 16.53
C LYS A 37 -15.39 -17.40 15.17
N GLU A 38 -15.68 -16.56 14.17
CA GLU A 38 -15.98 -17.02 12.82
C GLU A 38 -14.84 -17.79 12.15
N PHE A 39 -13.60 -17.45 12.51
CA PHE A 39 -12.43 -18.11 11.94
C PHE A 39 -11.97 -19.33 12.75
N VAL A 40 -12.38 -19.36 14.01
CA VAL A 40 -11.97 -20.45 14.90
C VAL A 40 -10.45 -20.34 15.01
N ALA A 41 -9.97 -19.09 14.96
CA ALA A 41 -8.55 -18.80 15.05
C ALA A 41 -8.30 -17.45 15.71
N GLU A 42 -7.05 -16.98 15.63
CA GLU A 42 -6.66 -15.71 16.20
C GLU A 42 -6.22 -14.81 15.05
N VAL A 43 -6.94 -13.71 14.85
CA VAL A 43 -6.59 -12.80 13.77
C VAL A 43 -6.06 -11.48 14.31
N PHE A 44 -5.01 -10.98 13.67
CA PHE A 44 -4.38 -9.72 14.08
C PHE A 44 -4.36 -8.74 12.92
N PHE A 45 -4.96 -7.58 13.13
CA PHE A 45 -5.04 -6.55 12.10
C PHE A 45 -4.05 -5.40 12.31
N LYS A 46 -3.11 -5.26 11.38
CA LYS A 46 -2.12 -4.18 11.43
C LYS A 46 -2.78 -2.98 10.74
N CYS A 47 -3.14 -1.98 11.53
CA CYS A 47 -3.87 -0.81 11.04
C CYS A 47 -3.07 0.33 10.41
N GLU A 48 -2.71 0.18 9.14
CA GLU A 48 -1.97 1.25 8.48
C GLU A 48 -2.90 2.39 8.06
N ASN A 49 -4.20 2.23 8.29
CA ASN A 49 -5.14 3.30 8.00
C ASN A 49 -4.90 4.34 9.08
N PHE A 50 -4.19 3.94 10.13
CA PHE A 50 -3.85 4.83 11.24
C PHE A 50 -2.43 5.38 11.08
N GLN A 51 -1.82 5.08 9.93
CA GLN A 51 -0.47 5.55 9.65
C GLN A 51 -0.55 7.03 9.27
N LYS A 52 0.55 7.74 9.41
CA LYS A 52 0.57 9.16 9.03
C LYS A 52 0.05 9.24 7.61
N MET A 53 -0.80 10.24 7.35
CA MET A 53 -1.40 10.46 6.04
C MET A 53 -2.46 9.44 5.63
N GLY A 54 -2.70 8.43 6.47
CA GLY A 54 -3.75 7.47 6.19
C GLY A 54 -3.46 6.17 5.45
N ALA A 55 -2.21 5.93 5.08
CA ALA A 55 -1.87 4.70 4.39
C ALA A 55 -0.43 4.28 4.66
N PHE A 56 -0.14 3.01 4.41
CA PHE A 56 1.18 2.46 4.66
C PHE A 56 2.26 3.12 3.81
N LYS A 57 1.88 3.65 2.65
CA LYS A 57 2.85 4.26 1.74
C LYS A 57 3.75 5.32 2.37
N PHE A 58 3.32 5.89 3.50
CA PHE A 58 4.14 6.89 4.18
C PHE A 58 5.52 6.30 4.48
N ARG A 59 5.54 5.03 4.86
CA ARG A 59 6.76 4.31 5.19
C ARG A 59 7.76 4.30 4.05
N GLY A 60 7.35 3.81 2.88
CA GLY A 60 8.24 3.76 1.73
C GLY A 60 8.64 5.13 1.21
N ALA A 61 7.71 6.07 1.26
CA ALA A 61 8.01 7.42 0.78
C ALA A 61 9.10 8.04 1.63
N LEU A 62 8.96 7.94 2.94
CA LEU A 62 9.93 8.49 3.87
C LEU A 62 11.28 7.79 3.74
N ASN A 63 11.27 6.46 3.60
CA ASN A 63 12.53 5.75 3.48
C ASN A 63 13.30 6.18 2.23
N ALA A 64 12.58 6.37 1.14
CA ALA A 64 13.21 6.78 -0.10
C ALA A 64 13.68 8.23 -0.07
N LEU A 65 12.83 9.14 0.41
CA LEU A 65 13.24 10.54 0.43
C LEU A 65 14.38 10.79 1.42
N SER A 66 14.44 9.99 2.47
CA SER A 66 15.48 10.12 3.48
C SER A 66 16.86 9.78 2.92
N GLN A 67 16.91 9.27 1.69
CA GLN A 67 18.18 8.88 1.09
C GLN A 67 18.54 9.57 -0.23
N LEU A 68 17.88 10.68 -0.53
CA LEU A 68 18.20 11.40 -1.76
C LEU A 68 19.49 12.18 -1.52
N ASN A 69 20.22 12.50 -2.58
CA ASN A 69 21.46 13.26 -2.41
C ASN A 69 21.12 14.73 -2.15
N GLU A 70 22.14 15.51 -1.77
CA GLU A 70 21.94 16.92 -1.46
C GLU A 70 21.30 17.73 -2.57
N ALA A 71 21.73 17.51 -3.80
CA ALA A 71 21.18 18.24 -4.93
C ALA A 71 19.69 17.99 -5.08
N GLN A 72 19.29 16.73 -4.97
CA GLN A 72 17.89 16.35 -5.11
C GLN A 72 17.03 16.92 -3.99
N ARG A 73 17.58 16.94 -2.78
CA ARG A 73 16.86 17.49 -1.63
C ARG A 73 16.54 18.97 -1.89
N LYS A 74 17.51 19.69 -2.42
CA LYS A 74 17.28 21.11 -2.69
C LYS A 74 16.39 21.39 -3.89
N ALA A 75 16.50 20.57 -4.93
CA ALA A 75 15.68 20.75 -6.12
C ALA A 75 14.23 20.37 -5.84
N GLY A 76 14.02 19.27 -5.13
CA GLY A 76 12.67 18.85 -4.82
C GLY A 76 12.23 17.59 -5.54
N VAL A 77 11.01 17.16 -5.22
CA VAL A 77 10.44 15.97 -5.83
C VAL A 77 9.13 16.30 -6.53
N LEU A 78 8.67 15.38 -7.37
CA LEU A 78 7.42 15.58 -8.10
C LEU A 78 6.69 14.24 -8.18
N THR A 79 5.37 14.27 -8.04
CA THR A 79 4.56 13.06 -8.13
C THR A 79 3.39 13.34 -9.06
N PHE A 80 2.85 12.29 -9.66
CA PHE A 80 1.70 12.43 -10.53
C PHE A 80 0.72 11.27 -10.34
N SER A 81 1.03 10.37 -9.42
CA SER A 81 0.16 9.24 -9.14
C SER A 81 -1.20 9.72 -8.62
N SER A 82 -2.26 9.00 -8.99
CA SER A 82 -3.61 9.36 -8.55
C SER A 82 -3.96 8.69 -7.22
N GLY A 83 -3.02 7.92 -6.67
CA GLY A 83 -3.26 7.22 -5.41
C GLY A 83 -2.53 7.76 -4.20
N ASN A 84 -2.52 6.98 -3.12
CA ASN A 84 -1.88 7.38 -1.87
C ASN A 84 -0.41 7.78 -1.94
N HIS A 85 0.31 7.29 -2.94
CA HIS A 85 1.72 7.61 -3.03
C HIS A 85 1.95 9.11 -3.10
N ALA A 86 1.06 9.81 -3.81
CA ALA A 86 1.23 11.26 -3.96
C ALA A 86 1.27 11.98 -2.62
N GLN A 87 0.33 11.65 -1.73
CA GLN A 87 0.26 12.29 -0.43
C GLN A 87 1.35 11.77 0.50
N ALA A 88 1.75 10.52 0.30
CA ALA A 88 2.84 9.95 1.10
C ALA A 88 4.09 10.75 0.79
N ILE A 89 4.34 10.99 -0.49
CA ILE A 89 5.50 11.76 -0.90
C ILE A 89 5.38 13.19 -0.39
N ALA A 90 4.21 13.81 -0.57
CA ALA A 90 4.04 15.19 -0.12
C ALA A 90 4.35 15.36 1.37
N LEU A 91 3.76 14.52 2.22
CA LEU A 91 3.99 14.64 3.66
C LEU A 91 5.44 14.32 4.04
N SER A 92 6.00 13.27 3.43
CA SER A 92 7.38 12.88 3.71
C SER A 92 8.33 14.01 3.34
N ALA A 93 8.08 14.62 2.19
CA ALA A 93 8.93 15.71 1.72
C ALA A 93 8.86 16.88 2.70
N LYS A 94 7.66 17.22 3.15
CA LYS A 94 7.51 18.33 4.10
C LYS A 94 8.31 18.06 5.36
N ILE A 95 8.14 16.87 5.92
CA ILE A 95 8.85 16.48 7.15
C ILE A 95 10.36 16.56 6.99
N LEU A 96 10.86 16.25 5.79
CA LEU A 96 12.29 16.26 5.54
C LEU A 96 12.85 17.55 4.95
N GLY A 97 11.99 18.57 4.85
CA GLY A 97 12.41 19.85 4.31
C GLY A 97 12.73 19.86 2.83
N ILE A 98 11.98 19.07 2.06
CA ILE A 98 12.18 18.97 0.62
C ILE A 98 10.96 19.51 -0.11
N PRO A 99 11.17 20.35 -1.14
CA PRO A 99 10.01 20.89 -1.87
C PRO A 99 9.33 19.75 -2.63
N ALA A 100 8.00 19.80 -2.73
CA ALA A 100 7.27 18.76 -3.45
C ALA A 100 6.15 19.33 -4.32
N LYS A 101 6.16 18.97 -5.59
CA LYS A 101 5.13 19.39 -6.52
C LYS A 101 4.26 18.18 -6.82
N ILE A 102 2.94 18.37 -6.72
CA ILE A 102 1.98 17.30 -6.90
C ILE A 102 1.03 17.57 -8.07
N ILE A 103 1.08 16.70 -9.09
CA ILE A 103 0.19 16.87 -10.24
C ILE A 103 -1.13 16.14 -9.95
N MET A 104 -2.23 16.89 -10.00
CA MET A 104 -3.54 16.33 -9.72
C MET A 104 -4.57 16.72 -10.78
N PRO A 105 -5.62 15.91 -10.95
CA PRO A 105 -6.66 16.21 -11.95
C PRO A 105 -7.48 17.40 -11.48
N LEU A 106 -8.00 18.18 -12.42
CA LEU A 106 -8.81 19.35 -12.09
C LEU A 106 -10.01 18.98 -11.20
N ASP A 107 -10.53 17.77 -11.37
CA ASP A 107 -11.68 17.32 -10.59
C ASP A 107 -11.29 16.44 -9.40
N ALA A 108 -10.09 16.61 -8.88
CA ALA A 108 -9.65 15.82 -7.74
C ALA A 108 -10.51 16.17 -6.53
N PRO A 109 -10.83 15.19 -5.68
CA PRO A 109 -11.65 15.42 -4.48
C PRO A 109 -11.11 16.58 -3.64
N GLU A 110 -11.98 17.55 -3.36
CA GLU A 110 -11.60 18.72 -2.56
C GLU A 110 -10.82 18.39 -1.29
N ALA A 111 -11.28 17.40 -0.53
CA ALA A 111 -10.60 17.02 0.71
C ALA A 111 -9.18 16.54 0.46
N LYS A 112 -8.95 15.89 -0.67
CA LYS A 112 -7.64 15.37 -1.02
C LYS A 112 -6.71 16.52 -1.40
N VAL A 113 -7.25 17.49 -2.13
CA VAL A 113 -6.47 18.65 -2.54
C VAL A 113 -6.10 19.46 -1.30
N ALA A 114 -7.07 19.66 -0.41
CA ALA A 114 -6.82 20.40 0.81
C ALA A 114 -5.77 19.70 1.67
N ALA A 115 -5.84 18.37 1.73
CA ALA A 115 -4.89 17.60 2.52
C ALA A 115 -3.48 17.78 1.97
N THR A 116 -3.34 17.68 0.65
CA THR A 116 -2.06 17.81 -0.01
C THR A 116 -1.45 19.19 0.25
N LYS A 117 -2.28 20.22 0.18
CA LYS A 117 -1.80 21.57 0.44
C LYS A 117 -1.41 21.69 1.90
N GLY A 118 -2.14 20.98 2.76
CA GLY A 118 -1.85 20.99 4.18
C GLY A 118 -0.50 20.33 4.44
N TYR A 119 -0.08 19.48 3.50
CA TYR A 119 1.19 18.79 3.59
C TYR A 119 2.29 19.62 2.92
N GLY A 120 1.98 20.87 2.59
CA GLY A 120 2.96 21.75 1.96
C GLY A 120 3.22 21.49 0.49
N GLY A 121 2.47 20.57 -0.10
CA GLY A 121 2.67 20.26 -1.50
C GLY A 121 2.19 21.38 -2.41
N GLN A 122 2.92 21.60 -3.49
CA GLN A 122 2.57 22.62 -4.46
C GLN A 122 1.78 21.91 -5.55
N VAL A 123 0.48 22.18 -5.60
CA VAL A 123 -0.41 21.53 -6.54
C VAL A 123 -0.42 22.05 -7.98
N ILE A 124 -0.26 21.13 -8.92
CA ILE A 124 -0.25 21.44 -10.35
C ILE A 124 -1.38 20.62 -10.93
N MET A 125 -2.31 21.25 -11.64
CA MET A 125 -3.42 20.47 -12.19
C MET A 125 -3.39 20.22 -13.69
N TYR A 126 -4.06 19.15 -14.09
CA TYR A 126 -4.13 18.75 -15.49
C TYR A 126 -5.58 18.34 -15.78
N ASP A 127 -5.93 18.28 -17.06
CA ASP A 127 -7.29 17.89 -17.44
C ASP A 127 -7.39 16.37 -17.46
N ARG A 128 -8.34 15.83 -16.69
CA ARG A 128 -8.55 14.41 -16.59
C ARG A 128 -8.88 13.74 -17.93
N TYR A 129 -9.63 14.44 -18.78
CA TYR A 129 -10.00 13.89 -20.08
C TYR A 129 -8.82 13.72 -21.03
N LYS A 130 -7.87 14.65 -20.98
CA LYS A 130 -6.69 14.61 -21.82
C LYS A 130 -5.66 13.64 -21.25
N ASP A 131 -5.60 13.58 -19.91
CA ASP A 131 -4.67 12.69 -19.21
C ASP A 131 -3.25 12.92 -19.70
N ASP A 132 -2.76 14.14 -19.50
CA ASP A 132 -1.43 14.57 -19.91
C ASP A 132 -0.39 14.36 -18.80
N ARG A 133 -0.78 13.65 -17.74
CA ARG A 133 0.10 13.40 -16.59
C ARG A 133 1.56 13.04 -16.82
N GLU A 134 1.82 11.92 -17.48
CA GLU A 134 3.20 11.50 -17.71
C GLU A 134 3.99 12.54 -18.50
N LYS A 135 3.37 13.03 -19.58
CA LYS A 135 4.02 14.04 -20.42
C LYS A 135 4.44 15.23 -19.58
N MET A 136 3.51 15.74 -18.77
CA MET A 136 3.76 16.89 -17.91
C MET A 136 4.84 16.58 -16.88
N ALA A 137 4.73 15.42 -16.24
CA ALA A 137 5.69 15.03 -15.22
C ALA A 137 7.13 15.00 -15.76
N LYS A 138 7.28 14.51 -16.98
CA LYS A 138 8.60 14.44 -17.60
C LYS A 138 9.09 15.86 -17.91
N GLU A 139 8.26 16.64 -18.57
CA GLU A 139 8.61 18.01 -18.93
C GLU A 139 9.03 18.84 -17.72
N ILE A 140 8.20 18.83 -16.68
CA ILE A 140 8.50 19.60 -15.47
C ILE A 140 9.71 19.08 -14.70
N SER A 141 9.75 17.77 -14.47
CA SER A 141 10.86 17.17 -13.72
C SER A 141 12.22 17.36 -14.38
N GLU A 142 12.28 17.20 -15.69
CA GLU A 142 13.56 17.37 -16.40
C GLU A 142 13.99 18.83 -16.43
N ARG A 143 13.03 19.73 -16.60
CA ARG A 143 13.33 21.16 -16.66
C ARG A 143 13.74 21.74 -15.32
N GLU A 144 13.12 21.26 -14.25
CA GLU A 144 13.40 21.76 -12.92
C GLU A 144 14.30 20.87 -12.07
N GLY A 145 14.75 19.75 -12.65
CA GLY A 145 15.62 18.86 -11.91
C GLY A 145 14.94 18.20 -10.73
N LEU A 146 13.65 17.91 -10.89
CA LEU A 146 12.88 17.29 -9.82
C LEU A 146 13.00 15.78 -9.91
N THR A 147 12.96 15.14 -8.75
CA THR A 147 13.06 13.69 -8.68
C THR A 147 11.70 13.04 -8.49
N ILE A 148 11.46 11.98 -9.25
CA ILE A 148 10.20 11.25 -9.18
C ILE A 148 10.49 9.88 -8.55
N ILE A 149 9.82 9.59 -7.45
CA ILE A 149 9.99 8.31 -6.76
C ILE A 149 8.88 7.35 -7.19
N PRO A 150 9.26 6.15 -7.65
CA PRO A 150 8.25 5.17 -8.08
C PRO A 150 7.32 4.82 -6.92
N PRO A 151 6.01 4.66 -7.19
CA PRO A 151 5.07 4.31 -6.12
C PRO A 151 5.27 2.92 -5.52
N TYR A 152 6.01 2.06 -6.21
CA TYR A 152 6.26 0.71 -5.70
C TYR A 152 7.54 0.04 -6.19
N ASP A 153 7.88 0.22 -7.46
CA ASP A 153 9.06 -0.41 -8.04
C ASP A 153 10.37 0.31 -7.74
N HIS A 154 10.75 0.28 -6.47
CA HIS A 154 11.97 0.92 -6.01
C HIS A 154 12.42 0.23 -4.72
N PRO A 155 13.71 -0.10 -4.63
CA PRO A 155 14.31 -0.77 -3.48
C PRO A 155 14.01 -0.07 -2.15
N HIS A 156 14.12 1.26 -2.13
CA HIS A 156 13.89 2.00 -0.90
C HIS A 156 12.41 2.03 -0.53
N VAL A 157 11.56 2.15 -1.54
CA VAL A 157 10.13 2.19 -1.32
C VAL A 157 9.62 0.85 -0.79
N LEU A 158 9.94 -0.24 -1.46
CA LEU A 158 9.48 -1.55 -1.00
C LEU A 158 10.02 -1.93 0.38
N ALA A 159 11.29 -1.62 0.66
CA ALA A 159 11.87 -1.95 1.96
C ALA A 159 11.09 -1.21 3.05
N GLY A 160 10.76 0.05 2.78
CA GLY A 160 10.00 0.81 3.75
C GLY A 160 8.61 0.25 3.99
N GLN A 161 7.93 -0.14 2.92
CA GLN A 161 6.58 -0.68 3.09
C GLN A 161 6.63 -1.93 3.97
N GLY A 162 7.73 -2.67 3.89
CA GLY A 162 7.88 -3.87 4.69
C GLY A 162 7.94 -3.70 6.21
N THR A 163 8.17 -2.49 6.68
CA THR A 163 8.25 -2.25 8.12
C THR A 163 6.93 -2.42 8.85
N ALA A 164 5.81 -2.37 8.12
CA ALA A 164 4.52 -2.56 8.76
C ALA A 164 4.47 -4.01 9.24
N ALA A 165 4.82 -4.94 8.37
CA ALA A 165 4.83 -6.36 8.73
C ALA A 165 5.87 -6.60 9.81
N LYS A 166 7.02 -5.94 9.69
CA LYS A 166 8.07 -6.09 10.69
C LYS A 166 7.49 -5.76 12.06
N GLU A 167 6.81 -4.63 12.15
CA GLU A 167 6.21 -4.21 13.42
C GLU A 167 5.17 -5.20 13.92
N LEU A 168 4.38 -5.76 13.00
CA LEU A 168 3.35 -6.72 13.36
C LEU A 168 3.97 -7.95 14.02
N PHE A 169 5.01 -8.51 13.40
CA PHE A 169 5.67 -9.69 13.94
C PHE A 169 6.36 -9.40 15.28
N GLU A 170 6.92 -8.21 15.41
CA GLU A 170 7.60 -7.85 16.65
C GLU A 170 6.60 -7.69 17.79
N GLU A 171 5.37 -7.32 17.45
CA GLU A 171 4.35 -7.12 18.47
C GLU A 171 3.59 -8.38 18.86
N VAL A 172 3.16 -9.16 17.88
CA VAL A 172 2.39 -10.36 18.18
C VAL A 172 3.15 -11.67 18.09
N GLY A 173 4.37 -11.62 17.58
CA GLY A 173 5.18 -12.83 17.46
C GLY A 173 4.94 -13.57 16.16
N PRO A 174 5.27 -14.87 16.11
CA PRO A 174 5.09 -15.70 14.91
C PRO A 174 3.65 -15.78 14.43
N LEU A 175 3.47 -15.87 13.12
CA LEU A 175 2.15 -15.97 12.51
C LEU A 175 2.20 -17.15 11.53
N ASP A 176 1.07 -17.84 11.38
CA ASP A 176 0.99 -18.97 10.48
C ASP A 176 0.59 -18.55 9.08
N ALA A 177 -0.12 -17.42 8.99
CA ALA A 177 -0.56 -16.88 7.70
C ALA A 177 -0.58 -15.35 7.71
N LEU A 178 -0.20 -14.77 6.58
CA LEU A 178 -0.19 -13.32 6.43
C LEU A 178 -0.86 -12.90 5.13
N PHE A 179 -1.88 -12.05 5.23
CA PHE A 179 -2.60 -11.57 4.05
C PHE A 179 -2.24 -10.11 3.76
N VAL A 180 -1.83 -9.85 2.52
CA VAL A 180 -1.43 -8.51 2.13
C VAL A 180 -2.02 -8.06 0.79
N CYS A 181 -2.44 -6.80 0.74
CA CYS A 181 -3.03 -6.21 -0.47
C CYS A 181 -1.99 -6.12 -1.60
N LEU A 182 -2.42 -6.32 -2.84
CA LEU A 182 -1.50 -6.26 -3.96
C LEU A 182 -1.88 -5.37 -5.14
N GLY A 183 -1.00 -4.41 -5.41
CA GLY A 183 -1.15 -3.49 -6.52
C GLY A 183 0.11 -3.69 -7.33
N GLY A 184 1.06 -2.77 -7.19
CA GLY A 184 2.32 -2.90 -7.91
C GLY A 184 3.27 -3.87 -7.21
N GLY A 185 2.98 -4.18 -5.94
CA GLY A 185 3.82 -5.13 -5.22
C GLY A 185 4.82 -4.61 -4.21
N GLY A 186 4.76 -3.32 -3.90
CA GLY A 186 5.70 -2.78 -2.93
C GLY A 186 5.40 -3.32 -1.54
N LEU A 187 4.13 -3.28 -1.16
CA LEU A 187 3.71 -3.76 0.15
C LEU A 187 3.97 -5.26 0.27
N LEU A 188 3.53 -6.01 -0.73
CA LEU A 188 3.70 -7.46 -0.69
C LEU A 188 5.16 -7.89 -0.61
N SER A 189 6.02 -7.34 -1.47
CA SER A 189 7.43 -7.72 -1.45
C SER A 189 8.13 -7.34 -0.14
N GLY A 190 7.82 -6.15 0.39
CA GLY A 190 8.42 -5.73 1.63
C GLY A 190 7.94 -6.61 2.76
N SER A 191 6.66 -6.97 2.71
CA SER A 191 6.05 -7.82 3.73
C SER A 191 6.61 -9.23 3.66
N ALA A 192 6.87 -9.72 2.45
CA ALA A 192 7.41 -11.06 2.28
C ALA A 192 8.81 -11.13 2.88
N LEU A 193 9.61 -10.09 2.67
CA LEU A 193 10.95 -10.06 3.23
C LEU A 193 10.84 -10.17 4.75
N ALA A 194 9.93 -9.39 5.34
CA ALA A 194 9.73 -9.41 6.78
C ALA A 194 9.22 -10.77 7.27
N ALA A 195 8.22 -11.31 6.58
CA ALA A 195 7.64 -12.60 6.95
C ALA A 195 8.65 -13.75 6.92
N ARG A 196 9.41 -13.85 5.83
CA ARG A 196 10.39 -14.93 5.73
C ARG A 196 11.38 -14.89 6.88
N HIS A 197 11.74 -13.69 7.33
CA HIS A 197 12.67 -13.57 8.44
C HIS A 197 12.03 -13.95 9.77
N PHE A 198 10.96 -13.25 10.15
CA PHE A 198 10.31 -13.53 11.42
C PHE A 198 9.61 -14.89 11.52
N ALA A 199 9.00 -15.34 10.43
CA ALA A 199 8.27 -16.60 10.45
C ALA A 199 8.46 -17.40 9.15
N PRO A 200 9.59 -18.12 9.05
CA PRO A 200 9.93 -18.95 7.88
C PRO A 200 8.75 -19.81 7.38
N ASN A 201 7.96 -20.30 8.32
CA ASN A 201 6.82 -21.16 7.97
C ASN A 201 5.49 -20.45 7.78
N CYS A 202 5.50 -19.13 7.81
CA CYS A 202 4.27 -18.37 7.62
C CYS A 202 3.87 -18.33 6.15
N GLU A 203 2.62 -18.68 5.86
CA GLU A 203 2.14 -18.62 4.50
C GLU A 203 1.89 -17.15 4.17
N VAL A 204 2.48 -16.67 3.08
CA VAL A 204 2.31 -15.27 2.69
C VAL A 204 1.44 -15.19 1.45
N TYR A 205 0.35 -14.42 1.55
CA TYR A 205 -0.56 -14.28 0.42
C TYR A 205 -0.77 -12.85 -0.04
N GLY A 206 -0.69 -12.64 -1.35
CA GLY A 206 -0.95 -11.33 -1.92
C GLY A 206 -2.39 -11.41 -2.41
N VAL A 207 -3.10 -10.28 -2.45
CA VAL A 207 -4.49 -10.30 -2.88
C VAL A 207 -4.82 -9.18 -3.86
N GLU A 208 -5.39 -9.57 -5.01
CA GLU A 208 -5.77 -8.60 -6.04
C GLU A 208 -7.25 -8.66 -6.36
N PRO A 209 -7.78 -7.61 -6.99
CA PRO A 209 -9.19 -7.60 -7.37
C PRO A 209 -9.26 -8.56 -8.56
N GLU A 210 -10.27 -9.42 -8.60
CA GLU A 210 -10.38 -10.39 -9.69
C GLU A 210 -10.31 -9.78 -11.08
N ALA A 211 -10.79 -8.55 -11.23
CA ALA A 211 -10.76 -7.89 -12.53
C ALA A 211 -9.34 -7.49 -12.94
N GLY A 212 -8.44 -7.39 -11.96
CA GLY A 212 -7.08 -7.03 -12.26
C GLY A 212 -6.11 -8.01 -11.65
N ASN A 213 -6.14 -9.26 -12.13
CA ASN A 213 -5.25 -10.28 -11.59
C ASN A 213 -3.95 -10.47 -12.34
N ASP A 214 -3.38 -9.37 -12.84
CA ASP A 214 -2.12 -9.43 -13.57
C ASP A 214 -1.01 -9.97 -12.67
N GLY A 215 -1.09 -9.66 -11.38
CA GLY A 215 -0.09 -10.14 -10.44
C GLY A 215 -0.19 -11.65 -10.32
N GLN A 216 -1.42 -12.14 -10.27
CA GLN A 216 -1.66 -13.57 -10.18
C GLN A 216 -1.12 -14.24 -11.44
N GLN A 217 -1.44 -13.67 -12.60
CA GLN A 217 -0.99 -14.22 -13.88
C GLN A 217 0.53 -14.24 -13.97
N SER A 218 1.17 -13.19 -13.47
CA SER A 218 2.63 -13.11 -13.49
C SER A 218 3.23 -14.19 -12.61
N PHE A 219 2.62 -14.36 -11.44
CA PHE A 219 3.07 -15.37 -10.48
C PHE A 219 3.01 -16.76 -11.11
N ARG A 220 1.95 -17.01 -11.88
CA ARG A 220 1.75 -18.31 -12.55
C ARG A 220 2.74 -18.49 -13.69
N LYS A 221 2.84 -17.46 -14.53
CA LYS A 221 3.70 -17.46 -15.71
C LYS A 221 5.20 -17.38 -15.43
N GLY A 222 5.56 -16.77 -14.30
CA GLY A 222 6.98 -16.62 -13.98
C GLY A 222 7.57 -15.44 -14.72
N SER A 223 6.68 -14.63 -15.31
CA SER A 223 7.07 -13.45 -16.07
C SER A 223 6.03 -12.38 -15.77
N ILE A 224 6.41 -11.11 -15.87
CA ILE A 224 5.46 -10.04 -15.60
C ILE A 224 4.45 -9.89 -16.72
N VAL A 225 3.17 -9.95 -16.35
CA VAL A 225 2.06 -9.81 -17.30
C VAL A 225 1.40 -8.44 -17.20
N HIS A 226 1.17 -7.82 -18.35
CA HIS A 226 0.55 -6.50 -18.44
C HIS A 226 -0.93 -6.62 -18.84
N ILE A 227 -1.78 -5.79 -18.26
CA ILE A 227 -3.20 -5.80 -18.58
C ILE A 227 -3.72 -4.36 -18.68
N ASP A 228 -4.88 -4.20 -19.30
CA ASP A 228 -5.48 -2.87 -19.41
C ASP A 228 -6.01 -2.50 -18.03
N THR A 229 -6.06 -1.21 -17.74
CA THR A 229 -6.55 -0.76 -16.44
C THR A 229 -7.86 -1.48 -16.13
N PRO A 230 -7.90 -2.24 -15.04
CA PRO A 230 -9.11 -2.99 -14.65
C PRO A 230 -10.18 -2.14 -13.99
N LYS A 231 -11.44 -2.50 -14.24
CA LYS A 231 -12.57 -1.78 -13.64
C LYS A 231 -12.87 -2.47 -12.33
N THR A 232 -12.68 -1.74 -11.24
CA THR A 232 -12.89 -2.26 -9.89
C THR A 232 -12.93 -1.10 -8.91
N ILE A 233 -13.59 -1.30 -7.77
CA ILE A 233 -13.65 -0.26 -6.76
C ILE A 233 -12.33 -0.14 -5.99
N ALA A 234 -11.42 -1.10 -6.19
CA ALA A 234 -10.12 -1.06 -5.51
C ALA A 234 -9.22 -0.09 -6.29
N ASP A 235 -9.49 1.19 -6.13
CA ASP A 235 -8.75 2.23 -6.85
C ASP A 235 -7.23 2.26 -6.64
N GLY A 236 -6.77 1.63 -5.57
CA GLY A 236 -5.34 1.61 -5.29
C GLY A 236 -4.66 0.35 -5.81
N ALA A 237 -5.45 -0.51 -6.45
CA ALA A 237 -4.91 -1.76 -7.00
C ALA A 237 -5.26 -1.93 -8.48
N GLN A 238 -5.40 -0.81 -9.19
CA GLN A 238 -5.72 -0.83 -10.61
C GLN A 238 -4.47 -0.84 -11.46
N THR A 239 -3.36 -1.26 -10.85
CA THR A 239 -2.06 -1.33 -11.51
C THR A 239 -2.16 -2.20 -12.75
N GLN A 240 -1.42 -1.83 -13.79
CA GLN A 240 -1.44 -2.60 -15.02
C GLN A 240 -0.40 -3.72 -15.06
N HIS A 241 0.58 -3.65 -14.17
CA HIS A 241 1.63 -4.65 -14.11
C HIS A 241 2.47 -4.51 -12.84
N LEU A 242 3.13 -5.59 -12.44
CA LEU A 242 3.97 -5.57 -11.25
C LEU A 242 5.30 -4.89 -11.58
N GLY A 243 6.04 -4.54 -10.54
CA GLY A 243 7.33 -3.91 -10.72
C GLY A 243 8.38 -4.99 -10.91
N ASN A 244 9.54 -4.60 -11.42
CA ASN A 244 10.61 -5.57 -11.63
C ASN A 244 11.18 -6.00 -10.30
N TYR A 245 11.49 -5.03 -9.44
CA TYR A 245 12.03 -5.35 -8.12
C TYR A 245 11.04 -6.14 -7.29
N THR A 246 9.79 -5.67 -7.27
CA THR A 246 8.75 -6.30 -6.48
C THR A 246 8.43 -7.72 -6.93
N PHE A 247 8.32 -7.93 -8.25
CA PHE A 247 8.03 -9.27 -8.74
C PHE A 247 9.18 -10.23 -8.46
N SER A 248 10.42 -9.75 -8.59
CA SER A 248 11.58 -10.59 -8.35
C SER A 248 11.55 -11.17 -6.94
N ILE A 249 11.05 -10.38 -5.99
CA ILE A 249 10.96 -10.83 -4.61
C ILE A 249 9.71 -11.68 -4.39
N ILE A 250 8.59 -11.25 -4.96
CA ILE A 250 7.33 -11.95 -4.82
C ILE A 250 7.42 -13.38 -5.35
N LYS A 251 8.03 -13.53 -6.52
CA LYS A 251 8.18 -14.84 -7.14
C LYS A 251 8.96 -15.81 -6.23
N GLU A 252 9.88 -15.29 -5.44
CA GLU A 252 10.68 -16.14 -4.56
C GLU A 252 10.14 -16.30 -3.14
N LYS A 253 9.50 -15.26 -2.61
CA LYS A 253 9.04 -15.33 -1.23
C LYS A 253 7.54 -15.27 -0.92
N VAL A 254 6.70 -15.30 -1.94
CA VAL A 254 5.26 -15.28 -1.71
C VAL A 254 4.70 -16.66 -2.06
N ASP A 255 3.84 -17.18 -1.20
CA ASP A 255 3.28 -18.51 -1.43
C ASP A 255 2.20 -18.57 -2.48
N ASP A 256 1.35 -17.55 -2.55
CA ASP A 256 0.30 -17.53 -3.57
C ASP A 256 -0.39 -16.18 -3.65
N ILE A 257 -1.02 -15.93 -4.79
CA ILE A 257 -1.76 -14.69 -5.02
C ILE A 257 -3.22 -15.07 -5.18
N LEU A 258 -4.07 -14.43 -4.39
CA LEU A 258 -5.50 -14.69 -4.41
C LEU A 258 -6.26 -13.49 -4.96
N THR A 259 -7.51 -13.71 -5.37
CA THR A 259 -8.33 -12.62 -5.88
C THR A 259 -9.71 -12.65 -5.24
N VAL A 260 -10.31 -11.46 -5.09
CA VAL A 260 -11.63 -11.32 -4.51
C VAL A 260 -12.45 -10.38 -5.39
N SER A 261 -13.78 -10.48 -5.28
CA SER A 261 -14.68 -9.64 -6.05
C SER A 261 -14.95 -8.33 -5.32
N ASP A 262 -15.48 -7.34 -6.03
CA ASP A 262 -15.82 -6.07 -5.42
C ASP A 262 -16.90 -6.29 -4.37
N GLU A 263 -17.79 -7.24 -4.64
CA GLU A 263 -18.86 -7.52 -3.70
C GLU A 263 -18.26 -7.89 -2.34
N GLU A 264 -17.21 -8.69 -2.38
CA GLU A 264 -16.52 -9.11 -1.16
C GLU A 264 -15.83 -7.94 -0.50
N LEU A 265 -15.24 -7.07 -1.31
CA LEU A 265 -14.55 -5.90 -0.76
C LEU A 265 -15.56 -5.05 -0.01
N ILE A 266 -16.74 -4.87 -0.60
CA ILE A 266 -17.80 -4.07 0.01
C ILE A 266 -18.27 -4.67 1.34
N ASP A 267 -18.46 -5.99 1.38
CA ASP A 267 -18.90 -6.63 2.62
C ASP A 267 -17.84 -6.40 3.71
N CYS A 268 -16.57 -6.49 3.30
CA CYS A 268 -15.46 -6.29 4.22
C CYS A 268 -15.43 -4.84 4.72
N LEU A 269 -15.59 -3.90 3.80
CA LEU A 269 -15.58 -2.49 4.18
C LEU A 269 -16.70 -2.24 5.19
N LYS A 270 -17.85 -2.86 4.96
CA LYS A 270 -18.99 -2.71 5.88
C LYS A 270 -18.67 -3.33 7.23
N PHE A 271 -18.08 -4.51 7.22
CA PHE A 271 -17.74 -5.20 8.45
C PHE A 271 -16.77 -4.38 9.29
N TYR A 272 -15.74 -3.83 8.65
CA TYR A 272 -14.79 -3.02 9.40
C TYR A 272 -15.50 -1.87 10.11
N ALA A 273 -16.46 -1.25 9.42
CA ALA A 273 -17.21 -0.12 9.97
C ALA A 273 -18.18 -0.52 11.07
N ALA A 274 -19.00 -1.53 10.79
CA ALA A 274 -20.01 -1.97 11.74
C ALA A 274 -19.49 -2.79 12.92
N ARG A 275 -18.53 -3.68 12.68
CA ARG A 275 -18.02 -4.53 13.75
C ARG A 275 -16.73 -4.09 14.43
N MET A 276 -15.83 -3.47 13.69
CA MET A 276 -14.56 -3.06 14.28
C MET A 276 -14.44 -1.54 14.47
N LYS A 277 -15.41 -0.82 13.94
CA LYS A 277 -15.46 0.64 14.05
C LYS A 277 -14.27 1.36 13.44
N ILE A 278 -13.79 0.87 12.30
CA ILE A 278 -12.68 1.54 11.64
C ILE A 278 -13.00 1.81 10.18
N VAL A 279 -12.43 2.89 9.66
CA VAL A 279 -12.63 3.29 8.27
C VAL A 279 -11.51 2.70 7.41
N VAL A 280 -11.90 1.90 6.41
CA VAL A 280 -10.94 1.27 5.52
C VAL A 280 -11.36 1.49 4.07
N GLU A 281 -10.44 1.96 3.23
CA GLU A 281 -10.76 2.18 1.82
C GLU A 281 -10.89 0.83 1.11
N PRO A 282 -11.68 0.77 0.03
CA PRO A 282 -11.88 -0.48 -0.71
C PRO A 282 -10.64 -1.32 -0.95
N THR A 283 -9.57 -0.69 -1.44
CA THR A 283 -8.35 -1.41 -1.71
C THR A 283 -7.76 -2.03 -0.43
N GLY A 284 -7.98 -1.36 0.70
CA GLY A 284 -7.46 -1.85 1.96
C GLY A 284 -8.23 -3.03 2.52
N CYS A 285 -9.29 -3.43 1.82
CA CYS A 285 -10.11 -4.55 2.26
C CYS A 285 -9.74 -5.85 1.55
N LEU A 286 -8.84 -5.75 0.58
CA LEU A 286 -8.42 -6.91 -0.17
C LEU A 286 -7.90 -8.06 0.69
N SER A 287 -7.05 -7.73 1.67
CA SER A 287 -6.46 -8.75 2.51
C SER A 287 -7.45 -9.50 3.40
N PHE A 288 -8.36 -8.79 4.07
CA PHE A 288 -9.31 -9.47 4.93
C PHE A 288 -10.38 -10.24 4.13
N ALA A 289 -10.77 -9.69 2.98
CA ALA A 289 -11.76 -10.33 2.13
C ALA A 289 -11.25 -11.71 1.73
N ALA A 290 -9.98 -11.80 1.38
CA ALA A 290 -9.39 -13.07 0.98
C ALA A 290 -9.36 -14.03 2.17
N ALA A 291 -8.96 -13.53 3.33
CA ALA A 291 -8.90 -14.36 4.53
C ALA A 291 -10.26 -14.99 4.83
N ARG A 292 -11.30 -14.17 4.76
CA ARG A 292 -12.65 -14.67 5.03
C ARG A 292 -13.02 -15.75 4.02
N ALA A 293 -12.62 -15.54 2.77
CA ALA A 293 -12.91 -16.48 1.69
C ALA A 293 -12.33 -17.88 1.94
N MET A 294 -11.40 -17.99 2.88
CA MET A 294 -10.80 -19.28 3.17
C MET A 294 -10.67 -19.52 4.68
N LYS A 295 -11.55 -18.90 5.45
CA LYS A 295 -11.53 -19.03 6.90
C LYS A 295 -11.53 -20.49 7.36
N GLU A 296 -12.04 -21.39 6.51
CA GLU A 296 -12.09 -22.81 6.85
C GLU A 296 -10.72 -23.48 6.83
N LYS A 297 -9.80 -22.94 6.04
CA LYS A 297 -8.45 -23.50 5.95
C LYS A 297 -7.51 -22.82 6.94
N LEU A 298 -8.04 -21.91 7.74
CA LEU A 298 -7.21 -21.20 8.70
C LEU A 298 -7.48 -21.64 10.14
N LYS A 299 -8.09 -22.83 10.25
CA LYS A 299 -8.44 -23.46 11.53
C LYS A 299 -8.08 -22.69 12.81
N ASN A 300 -7.09 -23.19 13.54
CA ASN A 300 -6.64 -22.61 14.81
C ASN A 300 -5.32 -21.85 14.68
N LYS A 301 -5.08 -21.26 13.52
CA LYS A 301 -3.85 -20.52 13.27
C LYS A 301 -3.88 -19.08 13.79
N ARG A 302 -2.71 -18.46 13.79
CA ARG A 302 -2.53 -17.08 14.19
C ARG A 302 -2.37 -16.42 12.83
N ILE A 303 -3.30 -15.53 12.48
CA ILE A 303 -3.29 -14.88 11.18
C ILE A 303 -3.12 -13.37 11.21
N GLY A 304 -2.25 -12.88 10.34
CA GLY A 304 -2.02 -11.44 10.25
C GLY A 304 -2.72 -10.86 9.04
N ILE A 305 -3.38 -9.72 9.24
CA ILE A 305 -4.08 -9.03 8.15
C ILE A 305 -3.51 -7.60 8.08
N ILE A 306 -3.01 -7.21 6.92
CA ILE A 306 -2.48 -5.87 6.75
C ILE A 306 -3.57 -4.94 6.21
N ILE A 307 -4.04 -4.00 7.02
CA ILE A 307 -5.05 -3.05 6.54
C ILE A 307 -4.20 -1.93 5.95
N SER A 308 -4.11 -1.92 4.63
CA SER A 308 -3.26 -0.97 3.92
C SER A 308 -3.58 0.52 4.00
N GLY A 309 -4.86 0.90 4.07
CA GLY A 309 -5.17 2.32 4.15
C GLY A 309 -6.63 2.64 4.41
N GLY A 310 -6.90 3.90 4.70
CA GLY A 310 -8.27 4.32 4.97
C GLY A 310 -8.64 5.58 4.21
N ASN A 311 -7.85 5.92 3.21
CA ASN A 311 -8.09 7.11 2.42
C ASN A 311 -9.10 6.90 1.31
N VAL A 312 -10.36 7.03 1.68
CA VAL A 312 -11.46 6.88 0.74
C VAL A 312 -12.28 8.15 0.86
N ASP A 313 -12.64 8.74 -0.28
CA ASP A 313 -13.46 9.94 -0.30
C ASP A 313 -14.70 9.66 0.53
N ILE A 314 -15.01 10.55 1.48
CA ILE A 314 -16.16 10.37 2.36
C ILE A 314 -17.47 10.03 1.62
N GLU A 315 -17.77 10.76 0.55
CA GLU A 315 -18.98 10.53 -0.24
C GLU A 315 -19.00 9.10 -0.77
N ARG A 316 -17.84 8.67 -1.25
CA ARG A 316 -17.67 7.33 -1.80
C ARG A 316 -17.84 6.31 -0.69
N TYR A 317 -17.29 6.63 0.48
CA TYR A 317 -17.37 5.75 1.63
C TYR A 317 -18.83 5.58 2.05
N ALA A 318 -19.54 6.70 2.14
CA ALA A 318 -20.96 6.67 2.50
C ALA A 318 -21.73 5.82 1.49
N HIS A 319 -21.34 5.95 0.22
CA HIS A 319 -21.99 5.20 -0.85
C HIS A 319 -21.85 3.70 -0.64
N PHE A 320 -20.62 3.23 -0.40
CA PHE A 320 -20.39 1.81 -0.20
C PHE A 320 -21.06 1.29 1.05
N LEU A 321 -21.09 2.12 2.10
CA LEU A 321 -21.73 1.72 3.36
C LEU A 321 -23.23 1.52 3.16
N SER A 322 -23.80 2.24 2.20
CA SER A 322 -25.23 2.15 1.92
C SER A 322 -25.58 1.02 0.96
N GLN A 323 -24.58 0.34 0.42
CA GLN A 323 -24.83 -0.75 -0.51
C GLN A 323 -25.34 -1.96 0.26
MG MG B . -3.37 -6.37 -10.23
N1 PLP C . -3.63 -0.45 -0.71
C2 PLP C . -3.51 0.89 -0.55
C2A PLP C . -4.44 1.57 0.44
C3 PLP C . -2.58 1.58 -1.29
O3 PLP C . -2.45 2.94 -1.13
C4 PLP C . -1.77 0.92 -2.19
C4A PLP C . -0.74 1.72 -2.98
C5 PLP C . -1.92 -0.47 -2.33
C6 PLP C . -2.84 -1.11 -1.58
C5A PLP C . -1.09 -1.32 -3.29
O4P PLP C . 0.29 -1.34 -2.85
P PLP C . 1.43 -1.73 -3.88
O1P PLP C . 1.28 -1.03 -5.17
O2P PLP C . 1.14 -3.28 -4.16
O3P PLP C . 2.73 -1.62 -3.15
#